data_2Q7S
#
_entry.id   2Q7S
#
_cell.length_a   58.610
_cell.length_b   74.835
_cell.length_c   145.163
_cell.angle_alpha   90.000
_cell.angle_beta   90.000
_cell.angle_gamma   90.000
#
_symmetry.space_group_name_H-M   'P 21 21 21'
#
loop_
_entity.id
_entity.type
_entity.pdbx_description
1 polymer 'N-formylglutamate amidohydrolase'
2 non-polymer 'ZINC ION'
3 water water
#
_entity_poly.entity_id   1
_entity_poly.type   'polypeptide(L)'
_entity_poly.pdbx_seq_one_letter_code
;G(MSE)NQA(MSE)DTKQIAPFTLALPEGEALPLVCDSPHSGTFYPADFGAVVAPERLRGGEDTHVDALWEAVPRVGGTL
LAATFPRVYIDPNR(MSE)LDDIDPAQLEGPWPTPLAPGEKTRLGYGLIWSNVDAATPIYDRKLTVAEVQRRINRYYRPY
HAALTEAVEGAYQRFGAVWHLNLHS(MSE)PNNAYERLKIQSPRPLADFVLGDRDGTTCEPGLVDLVERELREKGYTVAR
NDPYKGVQLIAQIGRPAERRNSLQIEIRRPLY(MSE)EEGTRERNEGFATLQRDLTLLTLRIAEYVRRGV
;
_entity_poly.pdbx_strand_id   A,B
#
loop_
_chem_comp.id
_chem_comp.type
_chem_comp.name
_chem_comp.formula
ZN non-polymer 'ZINC ION' 'Zn 2'
#
# COMPACT_ATOMS: atom_id res chain seq x y z
N ILE A 11 35.47 -15.24 -4.28
CA ILE A 11 36.45 -14.11 -4.25
C ILE A 11 36.23 -13.26 -5.54
N ALA A 12 35.67 -13.88 -6.57
CA ALA A 12 35.16 -13.16 -7.76
C ALA A 12 34.21 -11.99 -7.38
N PRO A 13 34.44 -10.79 -7.93
CA PRO A 13 33.61 -9.64 -7.48
C PRO A 13 32.16 -9.58 -7.97
N PHE A 14 31.80 -10.48 -8.88
CA PHE A 14 30.47 -10.53 -9.41
C PHE A 14 30.17 -11.94 -9.94
N THR A 15 28.88 -12.24 -9.97
CA THR A 15 28.34 -13.32 -10.76
C THR A 15 27.71 -12.75 -12.05
N LEU A 16 27.77 -13.55 -13.10
CA LEU A 16 27.24 -13.16 -14.43
C LEU A 16 26.53 -14.37 -15.01
N ALA A 17 25.20 -14.32 -14.96
CA ALA A 17 24.32 -15.40 -15.47
C ALA A 17 23.93 -15.08 -16.91
N LEU A 18 24.48 -15.89 -17.81
CA LEU A 18 24.23 -15.79 -19.25
C LEU A 18 23.14 -16.77 -19.72
N PRO A 19 22.44 -16.40 -20.81
CA PRO A 19 21.37 -17.29 -21.28
C PRO A 19 21.87 -18.64 -21.84
N GLU A 20 21.14 -19.74 -21.60
CA GLU A 20 21.44 -21.02 -22.25
C GLU A 20 20.97 -21.14 -23.70
N GLY A 21 19.88 -20.47 -24.02
CA GLY A 21 19.37 -20.48 -25.37
C GLY A 21 19.53 -19.12 -26.07
N GLU A 22 18.55 -18.77 -26.89
CA GLU A 22 18.56 -17.52 -27.67
C GLU A 22 18.82 -16.38 -26.73
N ALA A 23 19.80 -15.53 -27.05
CA ALA A 23 20.01 -14.28 -26.30
C ALA A 23 19.05 -13.18 -26.81
N LEU A 24 18.68 -12.24 -25.91
CA LEU A 24 17.92 -11.00 -26.24
C LEU A 24 18.64 -9.84 -25.60
N PRO A 25 18.47 -8.60 -26.09
CA PRO A 25 19.17 -7.47 -25.45
C PRO A 25 18.46 -6.93 -24.18
N LEU A 26 18.32 -7.79 -23.21
CA LEU A 26 17.82 -7.48 -21.89
C LEU A 26 18.98 -7.74 -20.97
N VAL A 27 19.52 -6.68 -20.40
CA VAL A 27 20.70 -6.80 -19.52
C VAL A 27 20.25 -6.25 -18.16
N CYS A 28 20.44 -7.05 -17.09
CA CYS A 28 19.92 -6.72 -15.77
C CYS A 28 21.04 -6.74 -14.75
N ASP A 29 21.17 -5.69 -13.93
CA ASP A 29 22.14 -5.78 -12.85
C ASP A 29 21.55 -5.57 -11.44
N SER A 30 22.09 -6.34 -10.49
CA SER A 30 21.75 -6.26 -9.07
C SER A 30 23.07 -5.79 -8.38
N PRO A 31 23.23 -4.47 -8.23
CA PRO A 31 24.48 -3.93 -7.63
C PRO A 31 24.61 -4.04 -6.10
N HIS A 32 23.51 -4.28 -5.43
CA HIS A 32 23.39 -4.15 -4.01
C HIS A 32 23.17 -5.40 -3.23
N SER A 33 23.13 -6.55 -3.92
CA SER A 33 22.79 -7.83 -3.34
C SER A 33 23.98 -8.60 -2.76
N GLY A 34 25.17 -8.04 -2.86
CA GLY A 34 26.34 -8.71 -2.35
C GLY A 34 26.41 -8.79 -0.85
N THR A 35 26.75 -9.99 -0.35
CA THR A 35 26.81 -10.28 1.10
C THR A 35 28.17 -10.84 1.57
N PHE A 36 29.18 -10.83 0.70
CA PHE A 36 30.53 -11.29 1.05
C PHE A 36 31.39 -10.10 1.46
N TYR A 37 31.57 -9.91 2.77
CA TYR A 37 32.28 -8.77 3.35
C TYR A 37 33.82 -9.00 3.33
N PRO A 38 34.56 -8.12 2.62
CA PRO A 38 36.03 -8.15 2.63
C PRO A 38 36.70 -8.04 4.01
N ALA A 39 37.75 -8.83 4.20
CA ALA A 39 38.51 -8.82 5.45
C ALA A 39 39.04 -7.43 5.77
N ASP A 40 39.34 -6.64 4.73
CA ASP A 40 39.99 -5.33 4.94
C ASP A 40 39.02 -4.15 5.16
N PHE A 41 37.76 -4.48 5.42
CA PHE A 41 36.73 -3.47 5.70
C PHE A 41 37.24 -2.47 6.75
N GLY A 42 37.72 -2.98 7.89
CA GLY A 42 38.22 -2.11 8.96
C GLY A 42 37.18 -1.15 9.55
N ALA A 43 35.94 -1.65 9.68
CA ALA A 43 34.85 -0.88 10.26
C ALA A 43 34.90 -1.04 11.78
N VAL A 44 34.31 -0.08 12.51
CA VAL A 44 34.12 -0.23 13.96
C VAL A 44 32.70 -0.72 14.33
N VAL A 45 31.84 -0.85 13.33
CA VAL A 45 30.43 -1.23 13.54
C VAL A 45 30.25 -2.73 13.20
N ALA A 46 29.36 -3.39 13.95
CA ALA A 46 29.16 -4.84 13.80
C ALA A 46 28.54 -5.12 12.44
N PRO A 47 28.97 -6.21 11.77
CA PRO A 47 28.49 -6.44 10.39
C PRO A 47 26.96 -6.55 10.37
N GLU A 48 26.39 -7.07 11.46
CA GLU A 48 24.94 -7.10 11.64
C GLU A 48 24.27 -5.73 11.46
N ARG A 49 25.00 -4.65 11.73
CA ARG A 49 24.49 -3.29 11.52
C ARG A 49 24.59 -2.85 10.07
N LEU A 50 25.58 -3.39 9.36
CA LEU A 50 25.88 -3.05 7.95
C LEU A 50 24.95 -3.77 6.95
N ARG A 51 24.59 -5.01 7.28
CA ARG A 51 23.65 -5.78 6.51
C ARG A 51 22.38 -4.97 6.17
N GLY A 52 22.09 -3.94 6.99
CA GLY A 52 21.07 -2.92 6.70
C GLY A 52 20.95 -2.52 5.23
N GLY A 53 21.99 -1.87 4.68
CA GLY A 53 22.04 -1.36 3.29
C GLY A 53 22.11 -2.39 2.15
N GLU A 54 22.04 -3.68 2.49
CA GLU A 54 21.98 -4.72 1.51
C GLU A 54 20.60 -4.79 0.88
N ASP A 55 20.56 -4.82 -0.43
CA ASP A 55 19.39 -5.29 -1.15
C ASP A 55 19.41 -6.84 -1.29
N THR A 56 19.28 -7.49 -0.14
CA THR A 56 19.49 -8.95 -0.03
C THR A 56 18.50 -9.75 -0.90
N HIS A 57 19.05 -10.81 -1.50
CA HIS A 57 18.33 -11.78 -2.35
C HIS A 57 17.78 -11.24 -3.68
N VAL A 58 18.02 -9.97 -4.00
CA VAL A 58 17.42 -9.34 -5.22
C VAL A 58 17.85 -10.03 -6.47
N ASP A 59 19.07 -10.52 -6.46
CA ASP A 59 19.53 -11.33 -7.58
C ASP A 59 18.79 -12.67 -7.73
N ALA A 60 18.44 -13.33 -6.63
CA ALA A 60 17.68 -14.62 -6.67
C ALA A 60 16.22 -14.36 -7.04
N LEU A 61 15.67 -13.19 -6.66
CA LEU A 61 14.29 -12.80 -7.03
C LEU A 61 14.15 -12.73 -8.54
N TRP A 62 15.20 -12.23 -9.19
CA TRP A 62 15.19 -12.14 -10.64
C TRP A 62 15.93 -13.24 -11.37
N GLU A 63 16.04 -14.41 -10.75
CA GLU A 63 16.71 -15.56 -11.42
C GLU A 63 16.26 -15.90 -12.85
N ALA A 64 15.00 -15.65 -13.20
CA ALA A 64 14.40 -15.91 -14.57
C ALA A 64 15.06 -15.21 -15.73
N VAL A 65 15.74 -14.11 -15.46
CA VAL A 65 16.32 -13.28 -16.49
C VAL A 65 17.13 -14.06 -17.58
N PRO A 66 18.17 -14.88 -17.18
CA PRO A 66 18.93 -15.67 -18.13
C PRO A 66 18.10 -16.84 -18.71
N ARG A 67 17.02 -17.22 -18.02
CA ARG A 67 16.14 -18.30 -18.48
C ARG A 67 15.28 -17.85 -19.62
N VAL A 68 15.11 -16.55 -19.81
CA VAL A 68 14.33 -16.02 -20.89
C VAL A 68 15.21 -15.31 -21.94
N GLY A 69 16.53 -15.44 -21.86
CA GLY A 69 17.41 -14.86 -22.89
C GLY A 69 18.19 -13.64 -22.45
N GLY A 70 17.91 -13.14 -21.24
CA GLY A 70 18.64 -11.97 -20.69
C GLY A 70 19.95 -12.27 -20.02
N THR A 71 20.62 -11.21 -19.60
CA THR A 71 21.86 -11.36 -18.85
C THR A 71 21.65 -10.73 -17.48
N LEU A 72 22.03 -11.46 -16.46
CA LEU A 72 21.95 -10.98 -15.10
C LEU A 72 23.33 -10.92 -14.46
N LEU A 73 23.73 -9.67 -14.21
CA LEU A 73 24.91 -9.36 -13.43
C LEU A 73 24.62 -9.01 -11.93
N ALA A 74 25.38 -9.61 -11.02
CA ALA A 74 25.21 -9.29 -9.61
C ALA A 74 26.52 -9.16 -8.84
N ALA A 75 26.62 -8.12 -8.00
CA ALA A 75 27.76 -7.90 -7.10
C ALA A 75 27.86 -8.92 -5.96
N THR A 76 29.06 -9.38 -5.64
CA THR A 76 29.23 -10.31 -4.52
C THR A 76 29.76 -9.55 -3.27
N PHE A 77 30.32 -8.38 -3.50
CA PHE A 77 30.79 -7.52 -2.43
C PHE A 77 29.63 -6.67 -1.95
N PRO A 78 29.72 -6.15 -0.71
CA PRO A 78 28.62 -5.37 -0.19
C PRO A 78 28.66 -3.92 -0.69
N ARG A 79 27.48 -3.38 -0.97
CA ARG A 79 27.39 -2.00 -1.41
C ARG A 79 27.86 -0.99 -0.37
N VAL A 80 27.78 -1.36 0.93
CA VAL A 80 28.29 -0.54 2.03
CA VAL A 80 28.29 -0.54 2.03
C VAL A 80 29.82 -0.52 2.07
N TYR A 81 30.46 -1.43 1.33
CA TYR A 81 31.91 -1.43 1.13
C TYR A 81 32.32 -0.56 -0.03
N ILE A 82 31.73 -0.83 -1.19
CA ILE A 82 31.72 0.13 -2.27
C ILE A 82 30.47 -0.08 -3.09
N ASP A 83 29.87 1.02 -3.50
CA ASP A 83 28.53 0.98 -4.10
C ASP A 83 28.66 1.14 -5.61
N PRO A 84 28.46 0.05 -6.38
CA PRO A 84 28.59 0.20 -7.83
C PRO A 84 27.58 1.10 -8.53
N ASN A 85 26.49 1.48 -7.86
CA ASN A 85 25.47 2.35 -8.45
C ASN A 85 25.78 3.78 -8.25
N ARG A 86 26.96 4.08 -7.72
CA ARG A 86 27.36 5.49 -7.61
C ARG A 86 28.44 5.71 -8.63
N MSE A 87 28.63 6.96 -8.98
CA MSE A 87 29.74 7.39 -9.80
C MSE A 87 31.00 7.43 -8.97
O MSE A 87 31.00 7.58 -7.76
CB MSE A 87 29.45 8.78 -10.40
CG MSE A 87 28.16 8.90 -11.13
SE MSE A 87 28.29 7.91 -12.81
CE MSE A 87 27.33 6.26 -12.58
N LEU A 88 32.11 7.36 -9.69
CA LEU A 88 33.42 7.28 -9.11
C LEU A 88 33.87 8.57 -8.47
N ASP A 89 33.20 9.68 -8.81
CA ASP A 89 33.48 10.97 -8.20
C ASP A 89 32.50 11.34 -7.09
N ASP A 90 31.66 10.38 -6.69
CA ASP A 90 30.64 10.58 -5.66
C ASP A 90 31.18 10.22 -4.28
N ILE A 91 32.21 10.99 -3.88
CA ILE A 91 32.94 10.84 -2.66
C ILE A 91 33.04 12.23 -2.05
N ASP A 92 32.82 12.33 -0.75
CA ASP A 92 33.01 13.56 -0.01
C ASP A 92 34.47 13.61 0.43
N PRO A 93 35.24 14.66 0.00
CA PRO A 93 36.63 14.86 0.41
C PRO A 93 36.91 14.65 1.90
N ALA A 94 35.95 14.99 2.75
CA ALA A 94 36.14 14.91 4.18
C ALA A 94 36.15 13.50 4.71
N GLN A 95 35.73 12.52 3.91
CA GLN A 95 35.80 11.13 4.36
C GLN A 95 37.17 10.50 4.14
N LEU A 96 38.04 11.17 3.40
CA LEU A 96 39.36 10.67 3.02
C LEU A 96 40.50 11.32 3.84
N GLU A 97 41.50 10.52 4.16
CA GLU A 97 42.73 10.99 4.75
C GLU A 97 43.56 11.31 3.54
N GLY A 98 43.85 12.60 3.35
CA GLY A 98 44.50 13.09 2.14
C GLY A 98 43.56 13.55 1.03
N PRO A 99 44.13 14.22 0.02
CA PRO A 99 43.38 14.77 -1.09
C PRO A 99 43.23 13.78 -2.27
N TRP A 100 42.07 13.80 -2.91
CA TRP A 100 41.80 12.91 -4.04
C TRP A 100 42.46 13.52 -5.27
N PRO A 101 43.03 12.68 -6.16
CA PRO A 101 43.80 13.22 -7.28
C PRO A 101 43.03 14.06 -8.31
N THR A 102 41.72 13.86 -8.37
CA THR A 102 40.82 14.45 -9.35
C THR A 102 39.63 15.09 -8.66
N PRO A 103 38.86 15.93 -9.40
CA PRO A 103 37.68 16.57 -8.84
C PRO A 103 36.62 15.58 -8.35
N LEU A 104 36.05 15.90 -7.17
CA LEU A 104 34.98 15.13 -6.58
C LEU A 104 33.70 15.94 -6.67
N ALA A 105 32.58 15.25 -6.84
CA ALA A 105 31.26 15.84 -7.08
C ALA A 105 30.25 15.05 -6.26
N PRO A 106 30.35 15.10 -4.93
CA PRO A 106 29.41 14.36 -4.10
C PRO A 106 27.92 14.84 -4.19
N GLY A 107 26.98 13.92 -4.14
CA GLY A 107 25.54 14.23 -4.11
C GLY A 107 24.93 13.99 -2.74
N THR A 110 25.66 11.32 -0.20
CA THR A 110 27.04 11.13 0.23
C THR A 110 27.28 11.84 1.55
N GLY A 115 26.61 7.35 -0.28
CA GLY A 115 27.66 7.61 -1.32
C GLY A 115 28.41 6.40 -1.88
N LEU A 116 29.39 6.62 -2.77
CA LEU A 116 30.18 5.52 -3.31
C LEU A 116 30.79 4.66 -2.21
N ILE A 117 31.34 5.35 -1.21
CA ILE A 117 31.88 4.74 -0.02
C ILE A 117 31.05 5.19 1.20
N TRP A 118 30.25 4.28 1.71
CA TRP A 118 29.47 4.60 2.95
C TRP A 118 30.36 4.97 4.12
N SER A 119 29.94 6.02 4.82
CA SER A 119 30.64 6.62 5.97
C SER A 119 29.94 6.32 7.31
N ASN A 120 28.63 6.10 7.21
CA ASN A 120 27.86 5.72 8.35
C ASN A 120 26.59 4.94 8.02
N VAL A 121 26.04 4.31 9.06
CA VAL A 121 24.76 3.59 8.97
C VAL A 121 23.61 4.47 9.49
N ASP A 122 23.95 5.44 10.34
CA ASP A 122 22.99 6.33 11.00
C ASP A 122 23.68 7.68 11.29
N ALA A 123 22.88 8.73 11.48
CA ALA A 123 23.48 10.06 11.69
C ALA A 123 24.02 10.18 13.11
N PRO A 126 27.77 5.99 12.28
CA PRO A 126 29.16 5.88 11.83
C PRO A 126 29.56 4.42 11.50
N ILE A 127 30.37 4.25 10.43
CA ILE A 127 30.96 2.96 10.06
C ILE A 127 32.43 2.80 10.53
N TYR A 128 33.22 3.89 10.58
CA TYR A 128 34.67 3.80 10.89
C TYR A 128 35.07 4.77 12.05
N ASP A 129 36.22 4.52 12.67
CA ASP A 129 36.70 5.41 13.74
C ASP A 129 37.84 6.31 13.24
N ARG A 130 37.88 6.45 11.91
CA ARG A 130 39.00 7.05 11.22
C ARG A 130 38.56 7.42 9.79
N LYS A 131 39.40 8.21 9.13
CA LYS A 131 39.24 8.55 7.72
C LYS A 131 39.93 7.53 6.86
N LEU A 132 39.32 7.17 5.74
CA LEU A 132 39.89 6.17 4.84
C LEU A 132 41.00 6.81 4.04
N THR A 133 42.02 6.04 3.72
CA THR A 133 43.11 6.61 2.95
C THR A 133 42.66 6.72 1.48
N VAL A 134 43.31 7.59 0.73
CA VAL A 134 43.09 7.64 -0.72
C VAL A 134 43.38 6.25 -1.34
N ALA A 135 44.54 5.70 -0.99
CA ALA A 135 44.99 4.39 -1.47
C ALA A 135 43.98 3.29 -1.24
N GLU A 136 43.37 3.27 -0.05
CA GLU A 136 42.43 2.26 0.33
C GLU A 136 41.15 2.29 -0.53
N VAL A 137 40.66 3.51 -0.79
CA VAL A 137 39.51 3.67 -1.59
C VAL A 137 39.85 3.34 -3.05
N GLN A 138 41.03 3.76 -3.50
CA GLN A 138 41.43 3.42 -4.84
C GLN A 138 41.41 1.90 -5.04
N ARG A 139 41.88 1.14 -4.05
CA ARG A 139 41.96 -0.31 -4.17
C ARG A 139 40.59 -0.96 -4.19
N ARG A 140 39.66 -0.45 -3.37
CA ARG A 140 38.26 -0.85 -3.51
C ARG A 140 37.78 -0.66 -4.93
N ILE A 141 38.02 0.53 -5.46
CA ILE A 141 37.57 0.84 -6.82
C ILE A 141 38.14 -0.14 -7.83
N ASN A 142 39.46 -0.41 -7.78
CA ASN A 142 40.10 -1.30 -8.76
C ASN A 142 39.64 -2.77 -8.67
N ARG A 143 39.56 -3.28 -7.45
CA ARG A 143 39.29 -4.68 -7.23
C ARG A 143 37.82 -5.06 -7.36
N TYR A 144 36.88 -4.17 -7.01
CA TYR A 144 35.49 -4.51 -6.94
C TYR A 144 34.64 -3.70 -7.94
N TYR A 145 34.74 -2.39 -7.92
CA TYR A 145 33.90 -1.56 -8.78
C TYR A 145 34.20 -1.69 -10.27
N ARG A 146 35.47 -1.55 -10.63
CA ARG A 146 35.84 -1.53 -12.04
C ARG A 146 35.49 -2.85 -12.76
N PRO A 147 35.81 -4.01 -12.17
CA PRO A 147 35.35 -5.27 -12.76
C PRO A 147 33.87 -5.38 -12.92
N TYR A 148 33.11 -5.04 -11.87
CA TYR A 148 31.68 -5.03 -11.94
C TYR A 148 31.23 -4.15 -13.09
N HIS A 149 31.71 -2.90 -13.13
CA HIS A 149 31.26 -2.00 -14.20
C HIS A 149 31.73 -2.37 -15.61
N ALA A 150 32.96 -2.86 -15.74
CA ALA A 150 33.40 -3.45 -17.03
C ALA A 150 32.44 -4.57 -17.53
N ALA A 151 31.95 -5.40 -16.61
CA ALA A 151 31.06 -6.55 -16.97
C ALA A 151 29.75 -5.97 -17.46
N LEU A 152 29.23 -4.96 -16.75
CA LEU A 152 27.95 -4.27 -17.14
C LEU A 152 28.10 -3.61 -18.51
N THR A 153 29.15 -2.82 -18.69
CA THR A 153 29.47 -2.23 -20.02
C THR A 153 29.52 -3.26 -21.14
N GLU A 154 30.24 -4.34 -20.89
CA GLU A 154 30.42 -5.37 -21.90
C GLU A 154 29.08 -5.94 -22.25
N ALA A 155 28.21 -6.16 -21.27
CA ALA A 155 26.88 -6.73 -21.54
C ALA A 155 25.97 -5.74 -22.27
N VAL A 156 26.01 -4.50 -21.84
CA VAL A 156 25.13 -3.49 -22.45
C VAL A 156 25.59 -3.21 -23.91
N GLU A 157 26.88 -2.95 -24.11
CA GLU A 157 27.40 -2.65 -25.43
C GLU A 157 27.40 -3.85 -26.38
N GLY A 158 27.64 -5.06 -25.87
CA GLY A 158 27.51 -6.24 -26.62
C GLY A 158 26.09 -6.45 -27.14
N ALA A 159 25.10 -6.34 -26.27
CA ALA A 159 23.71 -6.37 -26.63
C ALA A 159 23.38 -5.37 -27.74
N TYR A 160 23.78 -4.11 -27.53
CA TYR A 160 23.43 -3.08 -28.44
C TYR A 160 24.13 -3.35 -29.77
N GLN A 161 25.39 -3.80 -29.73
CA GLN A 161 26.12 -4.00 -30.97
C GLN A 161 25.47 -5.09 -31.82
N ARG A 162 24.99 -6.17 -31.18
CA ARG A 162 24.31 -7.26 -31.92
C ARG A 162 22.88 -6.90 -32.34
N PHE A 163 22.14 -6.24 -31.46
CA PHE A 163 20.71 -6.08 -31.70
C PHE A 163 20.30 -4.71 -32.21
N GLY A 164 21.11 -3.68 -31.95
CA GLY A 164 20.75 -2.32 -32.32
C GLY A 164 19.79 -1.66 -31.37
N ALA A 165 19.58 -2.28 -30.22
CA ALA A 165 18.81 -1.73 -29.13
C ALA A 165 19.26 -2.45 -27.87
N VAL A 166 18.96 -1.88 -26.71
CA VAL A 166 19.17 -2.53 -25.45
C VAL A 166 18.17 -2.02 -24.40
N TRP A 167 17.78 -2.91 -23.52
CA TRP A 167 16.91 -2.59 -22.39
C TRP A 167 17.63 -3.07 -21.15
N HIS A 168 18.03 -2.11 -20.31
CA HIS A 168 18.75 -2.35 -19.09
C HIS A 168 17.79 -2.18 -17.89
N LEU A 169 17.75 -3.18 -16.99
CA LEU A 169 17.03 -3.10 -15.69
C LEU A 169 18.06 -3.07 -14.56
N ASN A 170 18.00 -2.03 -13.76
CA ASN A 170 18.80 -1.84 -12.56
C ASN A 170 17.92 -2.22 -11.33
N LEU A 171 18.31 -3.27 -10.59
CA LEU A 171 17.42 -3.97 -9.73
C LEU A 171 17.75 -3.73 -8.27
N HIS A 172 16.72 -3.42 -7.46
CA HIS A 172 16.90 -3.05 -6.05
C HIS A 172 15.78 -3.55 -5.19
N SER A 173 16.03 -3.48 -3.90
CA SER A 173 14.97 -3.48 -2.90
C SER A 173 15.17 -2.33 -1.91
N MSE A 174 14.10 -1.99 -1.23
CA MSE A 174 14.10 -0.84 -0.37
C MSE A 174 13.39 -1.17 0.94
O MSE A 174 12.45 -2.01 0.97
CB MSE A 174 13.42 0.32 -1.12
CG MSE A 174 12.13 -0.04 -1.76
SE MSE A 174 11.20 1.49 -2.56
CE MSE A 174 9.62 0.40 -2.77
N PRO A 175 13.80 -0.51 2.04
CA PRO A 175 13.14 -0.70 3.32
C PRO A 175 11.80 -0.02 3.39
N ASN A 176 10.99 -0.44 4.35
CA ASN A 176 9.65 0.07 4.45
C ASN A 176 9.65 1.56 4.79
N ASN A 177 10.69 1.98 5.50
CA ASN A 177 10.83 3.37 5.86
C ASN A 177 11.75 4.14 4.93
N ALA A 178 11.78 3.78 3.64
CA ALA A 178 12.61 4.50 2.67
C ALA A 178 12.35 6.02 2.65
N TYR A 179 11.12 6.45 2.90
CA TYR A 179 10.76 7.89 2.92
C TYR A 179 11.43 8.60 4.13
N GLU A 180 11.38 7.96 5.29
CA GLU A 180 12.01 8.47 6.51
C GLU A 180 13.53 8.59 6.37
N ARG A 181 14.14 7.54 5.83
CA ARG A 181 15.58 7.50 5.60
C ARG A 181 16.09 8.50 4.54
N LEU A 182 15.31 8.70 3.50
CA LEU A 182 15.53 9.82 2.60
C LEU A 182 14.89 10.95 3.40
N LYS A 183 15.01 12.20 3.01
CA LYS A 183 14.47 13.21 3.92
C LYS A 183 13.09 13.63 3.45
N ILE A 184 12.20 12.68 3.18
CA ILE A 184 10.88 12.95 2.54
C ILE A 184 9.66 12.65 3.44
N GLN A 185 8.69 13.57 3.45
CA GLN A 185 7.40 13.34 4.11
C GLN A 185 6.40 13.15 2.99
N SER A 186 5.95 11.92 2.79
CA SER A 186 5.02 11.63 1.71
C SER A 186 3.60 11.53 2.23
N PRO A 187 2.64 12.20 1.55
CA PRO A 187 1.23 12.01 1.88
C PRO A 187 0.70 10.66 1.39
N ARG A 188 1.53 9.93 0.65
CA ARG A 188 1.25 8.60 0.12
C ARG A 188 2.11 7.50 0.76
N PRO A 189 1.55 6.30 0.94
CA PRO A 189 2.46 5.20 1.31
C PRO A 189 3.39 4.77 0.18
N LEU A 190 4.57 4.32 0.60
CA LEU A 190 5.56 3.73 -0.26
C LEU A 190 4.95 2.56 -1.03
N ALA A 191 5.20 2.51 -2.36
CA ALA A 191 4.61 1.47 -3.20
C ALA A 191 5.40 0.17 -3.01
N ASP A 192 4.84 -0.91 -3.52
CA ASP A 192 5.50 -2.18 -3.48
C ASP A 192 6.66 -2.19 -4.46
N PHE A 193 6.47 -1.55 -5.63
CA PHE A 193 7.48 -1.38 -6.69
C PHE A 193 7.57 0.10 -6.97
N VAL A 194 8.79 0.62 -7.05
CA VAL A 194 9.07 1.94 -7.56
C VAL A 194 9.91 1.79 -8.81
N LEU A 195 9.48 2.48 -9.86
CA LEU A 195 10.14 2.46 -11.18
C LEU A 195 10.73 3.84 -11.44
N GLY A 196 12.06 3.92 -11.53
CA GLY A 196 12.76 5.17 -11.79
C GLY A 196 13.31 5.20 -13.20
N ASP A 197 12.93 6.24 -13.94
CA ASP A 197 13.41 6.46 -15.29
C ASP A 197 13.69 7.96 -15.50
N ARG A 198 14.05 8.65 -14.42
CA ARG A 198 14.45 10.08 -14.41
C ARG A 198 13.33 10.87 -15.05
N ASP A 199 12.15 10.76 -14.44
CA ASP A 199 10.89 11.36 -14.91
C ASP A 199 10.55 11.15 -16.38
N GLY A 200 10.66 9.90 -16.81
CA GLY A 200 10.24 9.53 -18.14
C GLY A 200 11.23 9.77 -19.26
N THR A 201 12.54 9.82 -18.95
CA THR A 201 13.57 10.16 -19.97
C THR A 201 14.56 9.04 -20.34
N THR A 202 14.67 7.99 -19.54
CA THR A 202 15.74 6.99 -19.77
C THR A 202 15.27 5.68 -20.35
N CYS A 203 13.96 5.47 -20.35
CA CYS A 203 13.34 4.30 -20.93
C CYS A 203 12.17 4.71 -21.86
N GLU A 204 12.08 4.04 -22.99
CA GLU A 204 10.97 4.22 -23.86
C GLU A 204 9.70 3.81 -23.10
N PRO A 205 8.64 4.60 -23.26
CA PRO A 205 7.50 4.48 -22.37
C PRO A 205 6.76 3.14 -22.39
N GLY A 206 6.75 2.44 -23.50
CA GLY A 206 5.98 1.20 -23.63
C GLY A 206 6.44 0.15 -22.62
N LEU A 207 7.73 0.12 -22.32
CA LEU A 207 8.23 -0.86 -21.35
C LEU A 207 7.87 -0.51 -19.91
N VAL A 208 7.95 0.78 -19.56
CA VAL A 208 7.52 1.22 -18.23
C VAL A 208 5.99 0.93 -18.07
N ASP A 209 5.22 1.15 -19.14
CA ASP A 209 3.77 0.91 -19.13
C ASP A 209 3.51 -0.59 -18.90
N LEU A 210 4.25 -1.41 -19.64
CA LEU A 210 4.19 -2.89 -19.52
C LEU A 210 4.45 -3.33 -18.09
N VAL A 211 5.58 -2.92 -17.52
CA VAL A 211 5.96 -3.39 -16.19
C VAL A 211 4.93 -2.94 -15.15
N GLU A 212 4.55 -1.67 -15.20
CA GLU A 212 3.54 -1.14 -14.28
C GLU A 212 2.23 -1.94 -14.33
N ARG A 213 1.70 -2.13 -15.53
CA ARG A 213 0.43 -2.81 -15.77
C ARG A 213 0.48 -4.26 -15.32
N GLU A 214 1.53 -4.98 -15.70
CA GLU A 214 1.67 -6.39 -15.29
C GLU A 214 1.73 -6.53 -13.77
N LEU A 215 2.50 -5.68 -13.08
CA LEU A 215 2.60 -5.72 -11.63
C LEU A 215 1.32 -5.35 -10.91
N ARG A 216 0.65 -4.26 -11.34
CA ARG A 216 -0.69 -3.93 -10.80
C ARG A 216 -1.73 -5.02 -11.06
N GLU A 217 -1.65 -5.71 -12.18
CA GLU A 217 -2.58 -6.81 -12.42
C GLU A 217 -2.39 -7.98 -11.45
N LYS A 218 -1.20 -8.13 -10.89
CA LYS A 218 -0.87 -9.23 -9.95
C LYS A 218 -1.12 -8.80 -8.50
N GLY A 219 -1.53 -7.54 -8.33
CA GLY A 219 -1.97 -7.05 -7.05
C GLY A 219 -0.99 -6.13 -6.35
N TYR A 220 0.12 -5.80 -6.99
CA TYR A 220 1.16 -4.96 -6.37
C TYR A 220 0.82 -3.49 -6.64
N THR A 221 1.22 -2.62 -5.75
CA THR A 221 1.16 -1.18 -5.99
C THR A 221 2.46 -0.78 -6.66
N VAL A 222 2.35 0.18 -7.60
CA VAL A 222 3.50 0.63 -8.40
C VAL A 222 3.44 2.17 -8.38
N ALA A 223 4.58 2.80 -8.08
CA ALA A 223 4.76 4.27 -8.20
C ALA A 223 5.91 4.49 -9.18
N ARG A 224 5.82 5.56 -9.97
CA ARG A 224 6.93 5.98 -10.83
C ARG A 224 7.62 7.13 -10.13
N ASN A 225 8.95 7.10 -10.11
CA ASN A 225 9.77 8.28 -9.74
C ASN A 225 9.49 8.87 -8.37
N ASP A 226 9.13 8.00 -7.44
CA ASP A 226 8.63 8.38 -6.11
C ASP A 226 8.90 7.23 -5.10
N PRO A 227 9.94 7.38 -4.24
CA PRO A 227 10.90 8.48 -4.10
C PRO A 227 12.17 8.31 -4.95
N TYR A 228 12.28 7.22 -5.72
CA TYR A 228 13.47 6.89 -6.49
C TYR A 228 13.30 7.10 -7.98
N LYS A 229 14.01 8.11 -8.50
CA LYS A 229 13.97 8.49 -9.90
C LYS A 229 15.06 7.85 -10.74
N GLY A 230 16.02 7.15 -10.13
CA GLY A 230 17.09 6.48 -10.91
C GLY A 230 18.45 7.10 -10.54
N GLN A 232 21.96 7.87 -11.59
CA GLN A 232 22.80 8.63 -12.56
C GLN A 232 23.31 7.67 -13.60
N LEU A 233 23.72 6.49 -13.15
CA LEU A 233 23.95 5.38 -14.07
C LEU A 233 22.77 5.26 -15.08
N ILE A 234 21.54 5.44 -14.62
CA ILE A 234 20.34 5.23 -15.44
C ILE A 234 20.23 6.27 -16.55
N ALA A 235 20.62 7.52 -16.24
CA ALA A 235 20.66 8.62 -17.20
C ALA A 235 21.75 8.38 -18.27
N GLN A 236 22.83 7.70 -17.88
CA GLN A 236 23.97 7.45 -18.74
C GLN A 236 23.72 6.33 -19.69
N ILE A 237 23.08 5.28 -19.18
CA ILE A 237 22.76 4.10 -20.00
C ILE A 237 21.51 4.37 -20.87
N GLY A 238 20.47 4.91 -20.24
CA GLY A 238 19.18 5.12 -20.90
C GLY A 238 19.10 6.37 -21.71
N ARG A 239 19.27 6.22 -23.03
CA ARG A 239 19.04 7.29 -23.97
C ARG A 239 18.12 6.77 -25.08
N PRO A 240 16.81 6.76 -24.82
CA PRO A 240 15.92 6.07 -25.74
C PRO A 240 15.94 6.50 -27.21
N ALA A 241 16.37 7.72 -27.49
CA ALA A 241 16.46 8.21 -28.86
C ALA A 241 17.59 7.50 -29.63
N GLU A 242 18.45 6.75 -28.92
CA GLU A 242 19.51 5.99 -29.51
C GLU A 242 19.17 4.52 -29.38
N ARG A 243 17.97 4.25 -28.89
CA ARG A 243 17.47 2.91 -28.65
C ARG A 243 18.16 2.16 -27.51
N ARG A 244 18.67 2.94 -26.57
CA ARG A 244 19.29 2.42 -25.36
C ARG A 244 18.34 2.86 -24.25
N ASN A 245 17.93 1.92 -23.42
CA ASN A 245 16.88 2.15 -22.42
C ASN A 245 17.36 1.65 -21.07
N SER A 246 17.04 2.41 -20.03
CA SER A 246 17.38 2.01 -18.67
C SER A 246 16.19 2.34 -17.75
N LEU A 247 15.92 1.39 -16.89
CA LEU A 247 14.85 1.50 -15.87
C LEU A 247 15.34 0.98 -14.50
N GLN A 248 15.26 1.80 -13.45
CA GLN A 248 15.60 1.31 -12.11
C GLN A 248 14.32 0.73 -11.50
N ILE A 249 14.38 -0.48 -10.97
CA ILE A 249 13.21 -1.11 -10.30
C ILE A 249 13.49 -1.43 -8.84
N GLU A 250 12.64 -0.89 -7.95
CA GLU A 250 12.81 -1.05 -6.51
C GLU A 250 11.66 -1.84 -5.89
N ILE A 251 11.96 -2.88 -5.11
CA ILE A 251 10.99 -3.71 -4.46
C ILE A 251 10.97 -3.47 -2.94
N ARG A 252 9.79 -3.17 -2.41
CA ARG A 252 9.59 -3.05 -0.96
C ARG A 252 9.96 -4.40 -0.28
N ARG A 253 10.99 -4.36 0.55
CA ARG A 253 11.60 -5.53 1.17
C ARG A 253 10.70 -6.49 1.93
N PRO A 254 9.70 -5.97 2.70
CA PRO A 254 8.77 -6.83 3.44
C PRO A 254 8.08 -7.85 2.57
N LEU A 255 7.95 -7.52 1.29
CA LEU A 255 7.37 -8.43 0.30
C LEU A 255 8.08 -9.78 0.18
N TYR A 256 9.34 -9.86 0.57
CA TYR A 256 10.09 -11.10 0.38
C TYR A 256 11.03 -11.53 1.51
N MSE A 257 11.39 -10.61 2.40
CA MSE A 257 12.30 -10.94 3.51
C MSE A 257 11.90 -10.25 4.79
O MSE A 257 11.09 -9.30 4.78
CB MSE A 257 13.73 -10.54 3.17
CG MSE A 257 13.84 -9.11 2.77
SE MSE A 257 15.66 -8.44 2.51
CE MSE A 257 15.93 -7.37 4.08
N GLU A 258 12.48 -10.74 5.87
CA GLU A 258 12.35 -10.15 7.19
C GLU A 258 13.50 -9.17 7.38
N GLU A 259 13.16 -7.90 7.50
CA GLU A 259 14.19 -6.84 7.49
C GLU A 259 15.21 -6.97 8.62
N GLY A 260 14.80 -7.48 9.78
CA GLY A 260 15.73 -7.71 10.86
C GLY A 260 16.73 -8.80 10.58
N THR A 261 16.26 -10.04 10.38
CA THR A 261 17.15 -11.20 10.16
C THR A 261 17.72 -11.27 8.72
N ARG A 262 17.11 -10.49 7.81
CA ARG A 262 17.42 -10.49 6.34
C ARG A 262 16.95 -11.77 5.64
N GLU A 263 16.11 -12.56 6.30
CA GLU A 263 15.82 -13.91 5.81
C GLU A 263 14.58 -13.96 4.97
N ARG A 264 14.65 -14.76 3.91
CA ARG A 264 13.49 -14.92 3.01
C ARG A 264 12.27 -15.25 3.84
N ASN A 265 11.15 -14.59 3.53
CA ASN A 265 9.88 -14.88 4.17
C ASN A 265 8.94 -15.60 3.22
N GLU A 266 7.70 -15.78 3.65
CA GLU A 266 6.69 -16.52 2.89
C GLU A 266 6.35 -15.86 1.54
N GLY A 267 6.56 -14.55 1.42
CA GLY A 267 6.33 -13.82 0.20
C GLY A 267 7.44 -14.02 -0.82
N PHE A 268 8.61 -14.51 -0.39
CA PHE A 268 9.70 -14.69 -1.35
C PHE A 268 9.27 -15.51 -2.60
N ALA A 269 8.77 -16.72 -2.36
CA ALA A 269 8.41 -17.66 -3.41
C ALA A 269 7.41 -17.10 -4.40
N THR A 270 6.34 -16.53 -3.87
CA THR A 270 5.28 -15.91 -4.69
C THR A 270 5.79 -14.69 -5.44
N LEU A 271 6.67 -13.88 -4.82
CA LEU A 271 7.22 -12.75 -5.55
C LEU A 271 8.15 -13.16 -6.68
N GLN A 272 9.02 -14.14 -6.39
CA GLN A 272 9.94 -14.67 -7.40
C GLN A 272 9.14 -15.24 -8.58
N ARG A 273 8.07 -15.95 -8.27
CA ARG A 273 7.18 -16.50 -9.32
C ARG A 273 6.58 -15.38 -10.17
N ASP A 274 6.00 -14.39 -9.51
CA ASP A 274 5.49 -13.20 -10.21
C ASP A 274 6.53 -12.50 -11.07
N LEU A 275 7.76 -12.37 -10.58
CA LEU A 275 8.84 -11.76 -11.36
C LEU A 275 9.32 -12.62 -12.52
N THR A 276 9.29 -13.96 -12.39
CA THR A 276 9.53 -14.85 -13.50
C THR A 276 8.54 -14.64 -14.63
N LEU A 277 7.26 -14.63 -14.28
CA LEU A 277 6.21 -14.35 -15.24
CA LEU A 277 6.18 -14.32 -15.22
C LEU A 277 6.33 -12.93 -15.83
N LEU A 278 6.70 -11.95 -15.03
CA LEU A 278 6.88 -10.58 -15.54
C LEU A 278 8.06 -10.56 -16.52
N THR A 279 9.10 -11.32 -16.21
CA THR A 279 10.36 -11.34 -17.00
C THR A 279 10.13 -11.96 -18.36
N LEU A 280 9.30 -13.01 -18.40
CA LEU A 280 8.94 -13.67 -19.63
C LEU A 280 8.22 -12.65 -20.50
N ARG A 281 7.30 -11.91 -19.89
CA ARG A 281 6.60 -10.87 -20.65
C ARG A 281 7.52 -9.76 -21.20
N ILE A 282 8.50 -9.34 -20.40
CA ILE A 282 9.47 -8.35 -20.84
C ILE A 282 10.32 -8.91 -21.97
N ALA A 283 10.70 -10.19 -21.93
CA ALA A 283 11.52 -10.82 -22.99
C ALA A 283 10.78 -10.75 -24.30
N GLU A 284 9.50 -11.05 -24.26
CA GLU A 284 8.62 -10.95 -25.43
C GLU A 284 8.53 -9.52 -26.01
N TYR A 285 8.39 -8.56 -25.11
CA TYR A 285 8.37 -7.16 -25.49
C TYR A 285 9.69 -6.73 -26.17
N VAL A 286 10.81 -7.08 -25.54
CA VAL A 286 12.14 -6.85 -26.11
C VAL A 286 12.35 -7.47 -27.50
N ARG A 287 11.97 -8.74 -27.69
CA ARG A 287 12.13 -9.41 -28.98
C ARG A 287 11.32 -8.71 -30.04
N ARG A 288 10.14 -8.29 -29.68
CA ARG A 288 9.29 -7.54 -30.62
C ARG A 288 9.76 -6.11 -30.92
N GLY A 289 10.65 -5.57 -30.09
CA GLY A 289 11.15 -4.23 -30.26
C GLY A 289 12.45 -4.14 -31.03
N VAL A 290 13.10 -5.26 -31.27
CA VAL A 290 14.38 -5.28 -32.00
C VAL A 290 14.16 -5.17 -33.50
N ILE B 11 -9.33 11.34 23.15
CA ILE B 11 -10.44 12.26 22.70
C ILE B 11 -11.80 11.52 22.65
N ALA B 12 -12.88 12.32 22.72
CA ALA B 12 -14.27 11.81 22.65
C ALA B 12 -14.40 10.82 21.49
N PRO B 13 -14.93 9.61 21.73
CA PRO B 13 -14.77 8.58 20.70
C PRO B 13 -15.74 8.67 19.51
N PHE B 14 -16.65 9.65 19.52
CA PHE B 14 -17.55 9.84 18.44
C PHE B 14 -18.09 11.26 18.38
N THR B 15 -18.57 11.63 17.21
CA THR B 15 -19.43 12.79 17.04
C THR B 15 -20.89 12.32 16.87
N LEU B 16 -21.83 13.08 17.40
CA LEU B 16 -23.24 12.77 17.24
C LEU B 16 -23.94 14.06 16.82
N ALA B 17 -24.34 14.11 15.57
CA ALA B 17 -25.03 15.28 15.00
C ALA B 17 -26.49 15.02 15.09
N LEU B 18 -27.19 15.84 15.87
CA LEU B 18 -28.63 15.68 16.07
C LEU B 18 -29.35 16.78 15.29
N PRO B 19 -30.60 16.55 14.91
CA PRO B 19 -31.32 17.60 14.16
C PRO B 19 -31.61 18.85 14.95
N GLU B 20 -31.53 20.03 14.31
CA GLU B 20 -32.07 21.26 14.96
C GLU B 20 -33.58 21.37 15.01
N GLY B 21 -34.27 20.78 14.04
CA GLY B 21 -35.71 20.84 13.99
C GLY B 21 -36.37 19.50 14.29
N GLU B 22 -37.46 19.25 13.59
CA GLU B 22 -38.25 18.01 13.68
C GLU B 22 -37.39 16.80 13.49
N ALA B 23 -37.50 15.86 14.41
CA ALA B 23 -36.78 14.61 14.30
C ALA B 23 -37.58 13.64 13.44
N LEU B 24 -36.86 12.82 12.68
CA LEU B 24 -37.40 11.67 11.98
C LEU B 24 -36.64 10.43 12.37
N PRO B 25 -37.27 9.25 12.19
CA PRO B 25 -36.52 8.02 12.51
C PRO B 25 -35.50 7.57 11.40
N LEU B 26 -34.54 8.41 11.13
CA LEU B 26 -33.46 8.15 10.19
C LEU B 26 -32.18 8.25 10.99
N VAL B 27 -31.56 7.10 11.19
CA VAL B 27 -30.34 7.02 12.01
C VAL B 27 -29.22 6.55 11.13
N CYS B 28 -28.14 7.32 11.09
CA CYS B 28 -27.04 7.03 10.19
C CYS B 28 -25.75 6.98 10.95
N ASP B 29 -24.93 5.96 10.65
CA ASP B 29 -23.59 5.85 11.21
C ASP B 29 -22.43 5.69 10.22
N SER B 30 -21.33 6.38 10.52
CA SER B 30 -20.08 6.34 9.74
C SER B 30 -19.02 5.77 10.65
N PRO B 31 -18.89 4.44 10.67
CA PRO B 31 -17.98 3.85 11.65
C PRO B 31 -16.49 3.90 11.31
N HIS B 32 -16.18 4.20 10.04
CA HIS B 32 -14.85 4.08 9.47
C HIS B 32 -14.19 5.39 9.07
N SER B 33 -14.80 6.51 9.38
CA SER B 33 -14.26 7.79 8.92
C SER B 33 -13.34 8.48 9.95
N GLY B 34 -13.10 7.78 11.05
CA GLY B 34 -12.22 8.31 12.08
C GLY B 34 -10.76 8.40 11.66
N THR B 35 -10.15 9.55 11.96
CA THR B 35 -8.76 9.84 11.62
C THR B 35 -7.96 10.34 12.83
N PHE B 36 -8.51 10.26 14.05
CA PHE B 36 -7.74 10.62 15.25
C PHE B 36 -7.07 9.39 15.87
N TYR B 37 -5.79 9.20 15.57
CA TYR B 37 -5.05 7.96 15.90
C TYR B 37 -4.56 8.03 17.35
N PRO B 38 -5.05 7.13 18.21
CA PRO B 38 -4.73 7.23 19.64
C PRO B 38 -3.24 7.28 19.99
N ALA B 39 -2.95 7.84 21.16
CA ALA B 39 -1.60 8.01 21.64
C ALA B 39 -1.03 6.65 21.96
N ASP B 40 -1.90 5.73 22.39
CA ASP B 40 -1.45 4.37 22.77
C ASP B 40 -1.49 3.34 21.63
N PHE B 41 -1.72 3.80 20.40
CA PHE B 41 -1.73 2.91 19.23
C PHE B 41 -0.56 1.88 19.28
N GLY B 42 0.67 2.39 19.31
CA GLY B 42 1.83 1.52 19.43
C GLY B 42 2.14 0.69 18.18
N ALA B 43 1.78 1.20 16.99
CA ALA B 43 2.12 0.51 15.74
C ALA B 43 3.61 0.70 15.45
N VAL B 44 4.21 -0.26 14.75
CA VAL B 44 5.56 -0.05 14.16
C VAL B 44 5.53 0.32 12.66
N VAL B 45 4.42 0.03 12.00
CA VAL B 45 4.22 0.33 10.59
C VAL B 45 4.03 1.85 10.43
N ALA B 46 4.63 2.43 9.38
CA ALA B 46 4.57 3.86 9.14
C ALA B 46 3.12 4.27 8.97
N PRO B 47 2.70 5.40 9.60
CA PRO B 47 1.31 5.85 9.58
C PRO B 47 0.72 6.10 8.19
N GLU B 48 1.58 6.39 7.20
CA GLU B 48 1.16 6.52 5.79
C GLU B 48 0.40 5.25 5.34
N ARG B 49 0.88 4.10 5.81
CA ARG B 49 0.29 2.83 5.50
C ARG B 49 -0.99 2.59 6.29
N LEU B 50 -1.12 3.21 7.46
CA LEU B 50 -2.28 2.92 8.35
C LEU B 50 -3.57 3.56 7.88
N ARG B 51 -3.45 4.56 7.00
CA ARG B 51 -4.60 5.31 6.51
C ARG B 51 -5.39 4.60 5.39
N GLY B 52 -4.91 3.43 4.97
CA GLY B 52 -5.52 2.69 3.87
C GLY B 52 -6.90 2.21 4.23
N GLY B 53 -7.12 1.98 5.53
CA GLY B 53 -8.41 1.49 6.04
C GLY B 53 -9.51 2.50 6.29
N GLU B 54 -9.19 3.76 6.10
CA GLU B 54 -10.12 4.81 6.43
C GLU B 54 -11.08 5.05 5.31
N ASP B 55 -12.36 5.20 5.69
CA ASP B 55 -13.38 5.65 4.76
C ASP B 55 -13.45 7.16 4.96
N THR B 56 -12.41 7.82 4.50
CA THR B 56 -12.11 9.20 4.86
C THR B 56 -13.24 10.07 4.33
N HIS B 57 -13.61 11.05 5.14
CA HIS B 57 -14.59 12.10 4.74
C HIS B 57 -16.07 11.66 4.63
N VAL B 58 -16.37 10.38 4.82
CA VAL B 58 -17.72 9.85 4.61
C VAL B 58 -18.78 10.58 5.47
N ASP B 59 -18.41 10.90 6.69
CA ASP B 59 -19.30 11.65 7.58
C ASP B 59 -19.61 13.07 7.03
N ALA B 60 -18.63 13.71 6.41
CA ALA B 60 -18.82 15.07 5.82
C ALA B 60 -19.67 15.00 4.51
N LEU B 61 -19.48 13.95 3.73
CA LEU B 61 -20.32 13.66 2.57
C LEU B 61 -21.81 13.57 2.93
N TRP B 62 -22.13 12.99 4.09
CA TRP B 62 -23.53 12.91 4.54
C TRP B 62 -23.91 13.92 5.59
N GLU B 63 -23.25 15.08 5.62
CA GLU B 63 -23.58 16.14 6.57
C GLU B 63 -25.05 16.56 6.57
N ALA B 64 -25.76 16.34 5.46
CA ALA B 64 -27.20 16.68 5.38
C ALA B 64 -28.12 15.96 6.37
N VAL B 65 -27.70 14.82 6.87
CA VAL B 65 -28.57 13.96 7.66
C VAL B 65 -29.27 14.64 8.81
N PRO B 66 -28.53 15.36 9.70
CA PRO B 66 -29.19 16.16 10.74
C PRO B 66 -29.99 17.38 10.24
N ARG B 67 -29.68 17.88 9.07
CA ARG B 67 -30.34 19.08 8.52
C ARG B 67 -31.76 18.74 8.02
N VAL B 68 -32.03 17.45 7.79
CA VAL B 68 -33.33 16.96 7.36
C VAL B 68 -34.05 16.15 8.43
N GLY B 69 -33.51 16.08 9.65
CA GLY B 69 -34.20 15.40 10.75
C GLY B 69 -33.58 14.11 11.24
N GLY B 70 -32.57 13.59 10.53
CA GLY B 70 -31.87 12.36 11.02
C GLY B 70 -30.80 12.59 12.08
N THR B 71 -30.23 11.49 12.54
CA THR B 71 -29.11 11.54 13.45
C THR B 71 -27.90 10.94 12.76
N LEU B 72 -26.76 11.59 12.91
CA LEU B 72 -25.55 11.11 12.28
C LEU B 72 -24.46 10.92 13.32
N LEU B 73 -24.12 9.65 13.53
CA LEU B 73 -23.05 9.21 14.41
C LEU B 73 -21.80 8.95 13.62
N ALA B 74 -20.65 9.45 14.08
CA ALA B 74 -19.40 9.15 13.39
C ALA B 74 -18.28 8.86 14.37
N ALA B 75 -17.50 7.82 14.08
CA ALA B 75 -16.32 7.44 14.92
C ALA B 75 -15.17 8.44 14.72
N THR B 76 -14.55 8.89 15.82
CA THR B 76 -13.41 9.78 15.72
C THR B 76 -12.11 8.98 15.70
N PHE B 77 -12.14 7.77 16.21
CA PHE B 77 -10.98 6.85 16.21
C PHE B 77 -10.92 6.08 14.89
N PRO B 78 -9.71 5.61 14.49
CA PRO B 78 -9.54 4.89 13.25
C PRO B 78 -9.99 3.45 13.35
N ARG B 79 -10.65 2.96 12.30
CA ARG B 79 -11.13 1.56 12.31
C ARG B 79 -10.02 0.51 12.37
N VAL B 80 -8.81 0.90 11.96
CA VAL B 80 -7.66 0.02 12.06
CA VAL B 80 -7.61 0.07 12.06
C VAL B 80 -7.15 -0.14 13.51
N TYR B 81 -7.63 0.74 14.40
CA TYR B 81 -7.37 0.69 15.85
C TYR B 81 -8.39 -0.21 16.55
N ILE B 82 -9.66 0.05 16.31
CA ILE B 82 -10.74 -0.90 16.51
C ILE B 82 -11.89 -0.59 15.56
N ASP B 83 -12.48 -1.63 14.98
CA ASP B 83 -13.52 -1.49 13.97
C ASP B 83 -14.93 -1.64 14.57
N PRO B 84 -15.67 -0.51 14.72
CA PRO B 84 -16.99 -0.59 15.36
C PRO B 84 -18.05 -1.29 14.56
N ASN B 85 -17.74 -1.64 13.31
CA ASN B 85 -18.68 -2.33 12.44
C ASN B 85 -18.50 -3.84 12.52
N ARG B 86 -17.52 -4.29 13.28
CA ARG B 86 -17.35 -5.72 13.53
C ARG B 86 -17.97 -6.08 14.88
N MSE B 87 -18.25 -7.37 15.05
CA MSE B 87 -18.78 -7.91 16.28
C MSE B 87 -17.63 -8.10 17.26
O MSE B 87 -16.49 -8.26 16.87
CB MSE B 87 -19.50 -9.23 15.98
CG MSE B 87 -20.65 -9.12 15.03
SE MSE B 87 -22.15 -8.14 15.77
CE MSE B 87 -22.08 -6.33 15.11
N LEU B 88 -17.94 -8.11 18.54
CA LEU B 88 -16.93 -8.25 19.61
C LEU B 88 -16.28 -9.62 19.71
N ASP B 89 -16.90 -10.64 19.09
CA ASP B 89 -16.29 -11.94 19.05
C ASP B 89 -15.50 -12.20 17.73
N ASP B 90 -15.35 -11.17 16.90
CA ASP B 90 -14.67 -11.31 15.59
C ASP B 90 -13.18 -11.01 15.81
N ILE B 91 -12.52 -11.95 16.48
CA ILE B 91 -11.15 -11.81 16.88
C ILE B 91 -10.55 -13.17 16.64
N ASP B 92 -9.34 -13.19 16.11
CA ASP B 92 -8.61 -14.42 15.92
C ASP B 92 -7.74 -14.66 17.15
N PRO B 93 -7.91 -15.80 17.83
CA PRO B 93 -7.10 -16.17 19.00
C PRO B 93 -5.59 -16.05 18.80
N ALA B 94 -5.11 -16.44 17.62
CA ALA B 94 -3.69 -16.34 17.31
C ALA B 94 -3.17 -14.91 17.19
N GLN B 95 -4.06 -13.93 17.16
CA GLN B 95 -3.64 -12.54 17.16
C GLN B 95 -3.47 -11.96 18.56
N LEU B 96 -3.75 -12.72 19.61
CA LEU B 96 -3.69 -12.19 20.97
C LEU B 96 -2.60 -12.88 21.77
N GLU B 97 -1.91 -12.11 22.62
CA GLU B 97 -1.11 -12.66 23.71
C GLU B 97 -2.07 -12.93 24.88
N GLY B 98 -2.34 -14.22 25.14
CA GLY B 98 -3.27 -14.63 26.19
C GLY B 98 -4.60 -15.18 25.69
N PRO B 99 -5.33 -15.91 26.57
CA PRO B 99 -6.56 -16.51 26.13
C PRO B 99 -7.74 -15.54 26.33
N TRP B 100 -8.62 -15.47 25.34
CA TRP B 100 -9.78 -14.62 25.44
C TRP B 100 -10.79 -15.33 26.35
N PRO B 101 -11.51 -14.55 27.18
CA PRO B 101 -12.36 -15.19 28.21
C PRO B 101 -13.64 -15.83 27.74
N THR B 102 -14.08 -15.52 26.51
CA THR B 102 -15.35 -15.99 25.97
C THR B 102 -15.13 -16.53 24.56
N PRO B 103 -16.13 -17.24 24.01
CA PRO B 103 -15.93 -17.77 22.68
C PRO B 103 -15.70 -16.77 21.58
N LEU B 104 -14.80 -17.13 20.68
CA LEU B 104 -14.41 -16.28 19.57
C LEU B 104 -14.91 -16.88 18.27
N ALA B 105 -15.34 -16.01 17.36
CA ALA B 105 -15.85 -16.46 16.04
C ALA B 105 -15.31 -15.59 14.88
N PRO B 106 -13.99 -15.69 14.59
CA PRO B 106 -13.41 -14.85 13.55
C PRO B 106 -13.88 -15.20 12.12
N GLY B 107 -14.29 -14.19 11.35
CA GLY B 107 -14.53 -14.38 9.90
C GLY B 107 -13.28 -14.44 9.03
N GLU B 108 -13.47 -14.71 7.74
CA GLU B 108 -12.33 -14.88 6.81
C GLU B 108 -11.38 -13.67 6.81
N LYS B 109 -11.92 -12.46 6.81
CA LYS B 109 -11.07 -11.24 6.81
C LYS B 109 -10.23 -11.18 8.07
N THR B 110 -10.84 -11.53 9.22
CA THR B 110 -10.16 -11.51 10.50
C THR B 110 -8.93 -12.41 10.53
N ARG B 111 -9.08 -13.62 9.98
CA ARG B 111 -7.99 -14.58 9.89
C ARG B 111 -6.78 -13.97 9.16
N LEU B 112 -7.04 -13.12 8.16
CA LEU B 112 -5.95 -12.48 7.38
C LEU B 112 -5.39 -11.17 8.04
N GLY B 113 -5.98 -10.80 9.18
CA GLY B 113 -5.55 -9.69 10.02
C GLY B 113 -6.39 -8.43 9.86
N TYR B 114 -7.62 -8.53 9.34
CA TYR B 114 -8.54 -7.38 9.22
C TYR B 114 -9.86 -7.58 10.02
N GLY B 115 -9.70 -7.83 11.31
CA GLY B 115 -10.86 -8.11 12.18
C GLY B 115 -11.37 -6.94 12.92
N LEU B 116 -11.96 -7.21 14.11
CA LEU B 116 -12.34 -6.18 15.03
C LEU B 116 -11.09 -5.33 15.29
N ILE B 117 -9.97 -6.01 15.44
CA ILE B 117 -8.67 -5.34 15.66
C ILE B 117 -7.73 -5.72 14.50
N TRP B 118 -7.33 -4.76 13.67
CA TRP B 118 -6.37 -5.12 12.57
C TRP B 118 -5.01 -5.55 13.11
N SER B 119 -4.46 -6.60 12.50
CA SER B 119 -3.09 -7.06 12.74
C SER B 119 -2.14 -6.66 11.62
N ASN B 120 -2.71 -6.46 10.42
CA ASN B 120 -1.93 -6.28 9.18
C ASN B 120 -2.54 -5.12 8.43
N VAL B 121 -1.74 -4.40 7.63
CA VAL B 121 -2.28 -3.44 6.65
C VAL B 121 -2.32 -4.08 5.25
N ASP B 122 -1.38 -5.01 5.01
CA ASP B 122 -1.47 -5.95 3.89
C ASP B 122 -0.82 -7.26 4.30
N ALA B 123 -0.79 -8.25 3.39
CA ALA B 123 -0.29 -9.58 3.71
C ALA B 123 1.19 -9.60 4.07
N ALA B 124 1.95 -8.61 3.59
CA ALA B 124 3.40 -8.52 3.89
C ALA B 124 3.75 -7.57 5.05
N THR B 125 2.74 -6.91 5.61
CA THR B 125 2.96 -5.74 6.48
C THR B 125 2.12 -5.75 7.78
N PRO B 126 2.70 -6.33 8.85
CA PRO B 126 2.10 -6.30 10.18
C PRO B 126 2.07 -4.88 10.73
N ILE B 127 1.05 -4.59 11.54
CA ILE B 127 0.95 -3.28 12.21
C ILE B 127 1.90 -3.23 13.43
N TYR B 128 2.07 -4.37 14.10
CA TYR B 128 2.77 -4.43 15.39
C TYR B 128 4.01 -5.30 15.27
N ASP B 129 4.94 -5.17 16.22
CA ASP B 129 6.06 -6.12 16.31
C ASP B 129 5.87 -7.13 17.46
N ARG B 130 4.63 -7.28 17.90
CA ARG B 130 4.23 -8.27 18.89
C ARG B 130 2.72 -8.40 18.87
N LYS B 131 2.22 -9.46 19.48
CA LYS B 131 0.77 -9.63 19.68
C LYS B 131 0.23 -8.65 20.74
N LEU B 132 -0.94 -8.09 20.48
CA LEU B 132 -1.70 -7.31 21.47
C LEU B 132 -2.16 -8.25 22.56
N THR B 133 -2.24 -7.76 23.78
CA THR B 133 -2.64 -8.57 24.90
C THR B 133 -4.17 -8.54 25.02
N VAL B 134 -4.72 -9.52 25.74
CA VAL B 134 -6.16 -9.50 26.10
C VAL B 134 -6.55 -8.14 26.71
N ALA B 135 -5.80 -7.68 27.70
CA ALA B 135 -6.09 -6.39 28.35
C ALA B 135 -6.13 -5.22 27.39
N GLU B 136 -5.12 -5.10 26.52
CA GLU B 136 -5.05 -4.03 25.54
C GLU B 136 -6.28 -4.02 24.66
N VAL B 137 -6.70 -5.19 24.19
CA VAL B 137 -7.87 -5.29 23.30
C VAL B 137 -9.15 -4.95 24.12
N GLN B 138 -9.22 -5.41 25.36
CA GLN B 138 -10.37 -5.11 26.20
C GLN B 138 -10.51 -3.58 26.44
N ARG B 139 -9.38 -2.91 26.61
CA ARG B 139 -9.37 -1.45 26.84
C ARG B 139 -9.83 -0.66 25.63
N ARG B 140 -9.42 -1.11 24.45
CA ARG B 140 -9.93 -0.52 23.22
C ARG B 140 -11.44 -0.67 23.12
N ILE B 141 -11.92 -1.85 23.45
CA ILE B 141 -13.35 -2.11 23.42
C ILE B 141 -14.09 -1.18 24.37
N ASN B 142 -13.62 -1.05 25.60
CA ASN B 142 -14.28 -0.22 26.58
C ASN B 142 -14.20 1.27 26.28
N ARG B 143 -13.07 1.78 25.79
CA ARG B 143 -12.93 3.25 25.63
C ARG B 143 -13.49 3.75 24.30
N TYR B 144 -13.52 2.92 23.28
CA TYR B 144 -13.88 3.31 21.92
C TYR B 144 -15.10 2.60 21.38
N TYR B 145 -15.08 1.28 21.34
CA TYR B 145 -16.16 0.52 20.72
C TYR B 145 -17.50 0.61 21.48
N ARG B 146 -17.46 0.31 22.78
CA ARG B 146 -18.70 0.30 23.55
C ARG B 146 -19.45 1.61 23.54
N PRO B 147 -18.75 2.73 23.79
CA PRO B 147 -19.44 4.00 23.67
C PRO B 147 -20.01 4.33 22.32
N TYR B 148 -19.25 4.03 21.25
CA TYR B 148 -19.74 4.26 19.90
C TYR B 148 -20.99 3.44 19.69
N HIS B 149 -20.93 2.16 20.04
CA HIS B 149 -22.01 1.27 19.84
C HIS B 149 -23.22 1.55 20.75
N ALA B 150 -22.99 1.90 22.02
CA ALA B 150 -24.08 2.45 22.89
C ALA B 150 -24.80 3.69 22.29
N ALA B 151 -24.06 4.56 21.60
CA ALA B 151 -24.67 5.74 20.93
C ALA B 151 -25.55 5.28 19.78
N LEU B 152 -25.04 4.35 18.98
CA LEU B 152 -25.79 3.78 17.85
C LEU B 152 -27.08 3.11 18.33
N THR B 153 -26.96 2.22 19.30
CA THR B 153 -28.09 1.55 19.94
C THR B 153 -29.12 2.51 20.46
N GLU B 154 -28.66 3.54 21.18
CA GLU B 154 -29.54 4.49 21.84
C GLU B 154 -30.31 5.27 20.76
N ALA B 155 -29.61 5.66 19.70
CA ALA B 155 -30.14 6.37 18.56
C ALA B 155 -31.16 5.50 17.86
N VAL B 156 -30.81 4.25 17.60
CA VAL B 156 -31.72 3.36 16.84
C VAL B 156 -32.97 3.06 17.71
N GLU B 157 -32.74 2.77 18.97
CA GLU B 157 -33.83 2.36 19.86
C GLU B 157 -34.66 3.56 20.26
N GLY B 158 -34.05 4.73 20.33
CA GLY B 158 -34.79 5.93 20.62
C GLY B 158 -35.77 6.30 19.53
N ALA B 159 -35.33 6.13 18.28
CA ALA B 159 -36.11 6.41 17.11
C ALA B 159 -37.25 5.43 16.99
N TYR B 160 -36.96 4.16 17.28
CA TYR B 160 -37.97 3.14 17.17
C TYR B 160 -38.99 3.37 18.27
N GLN B 161 -38.52 3.74 19.47
CA GLN B 161 -39.43 3.97 20.58
C GLN B 161 -40.37 5.11 20.29
N ARG B 162 -39.80 6.15 19.72
CA ARG B 162 -40.54 7.34 19.45
C ARG B 162 -41.55 7.22 18.34
N PHE B 163 -41.16 6.54 17.26
CA PHE B 163 -41.90 6.51 16.00
C PHE B 163 -42.59 5.20 15.63
N GLY B 164 -42.17 4.08 16.21
CA GLY B 164 -42.69 2.79 15.84
C GLY B 164 -42.06 2.23 14.58
N ALA B 165 -41.03 2.87 14.06
CA ALA B 165 -40.27 2.34 12.93
C ALA B 165 -38.92 3.02 12.98
N VAL B 166 -37.91 2.42 12.35
CA VAL B 166 -36.59 3.07 12.24
C VAL B 166 -35.93 2.61 10.93
N TRP B 167 -35.21 3.52 10.32
CA TRP B 167 -34.44 3.27 9.12
C TRP B 167 -33.00 3.68 9.43
N HIS B 168 -32.14 2.67 9.47
CA HIS B 168 -30.70 2.89 9.73
C HIS B 168 -29.89 2.79 8.43
N LEU B 169 -28.99 3.76 8.21
CA LEU B 169 -28.02 3.74 7.11
C LEU B 169 -26.62 3.62 7.72
N ASN B 170 -25.89 2.61 7.26
CA ASN B 170 -24.55 2.32 7.70
C ASN B 170 -23.62 2.69 6.53
N LEU B 171 -22.84 3.76 6.75
CA LEU B 171 -22.19 4.54 5.72
C LEU B 171 -20.69 4.31 5.58
N HIS B 172 -20.28 4.09 4.31
CA HIS B 172 -18.95 3.66 3.96
C HIS B 172 -18.48 4.22 2.60
N SER B 173 -17.20 4.03 2.35
CA SER B 173 -16.61 4.17 1.02
C SER B 173 -15.70 2.99 0.81
N MSE B 174 -15.42 2.62 -0.43
CA MSE B 174 -14.70 1.41 -0.73
C MSE B 174 -13.64 1.71 -1.77
O MSE B 174 -13.79 2.64 -2.54
CB MSE B 174 -15.68 0.37 -1.28
CG MSE B 174 -16.41 0.88 -2.45
SE MSE B 174 -17.75 -0.32 -3.19
CE MSE B 174 -18.23 0.96 -4.54
N PRO B 175 -12.58 0.94 -1.81
CA PRO B 175 -11.54 1.27 -2.75
C PRO B 175 -11.89 0.92 -4.18
N ASN B 176 -11.27 1.67 -5.10
CA ASN B 176 -11.46 1.40 -6.52
C ASN B 176 -11.21 -0.05 -6.88
N ASN B 177 -10.21 -0.67 -6.27
CA ASN B 177 -9.86 -2.06 -6.59
C ASN B 177 -10.51 -3.08 -5.67
N ALA B 178 -11.68 -2.76 -5.11
CA ALA B 178 -12.37 -3.63 -4.17
C ALA B 178 -12.55 -5.04 -4.74
N TYR B 179 -12.85 -5.17 -6.02
CA TYR B 179 -13.03 -6.51 -6.58
C TYR B 179 -11.70 -7.25 -6.52
N GLU B 180 -10.63 -6.53 -6.87
CA GLU B 180 -9.30 -7.12 -6.95
CA GLU B 180 -9.27 -7.11 -6.93
C GLU B 180 -8.79 -7.52 -5.55
N ARG B 181 -9.06 -6.68 -4.54
CA ARG B 181 -8.78 -7.01 -3.13
C ARG B 181 -9.54 -8.22 -2.61
N LEU B 182 -10.82 -8.31 -3.00
CA LEU B 182 -11.72 -9.35 -2.57
C LEU B 182 -11.52 -10.59 -3.44
N LYS B 183 -10.53 -10.51 -4.33
CA LYS B 183 -10.24 -11.55 -5.32
C LYS B 183 -11.55 -12.05 -5.93
N ILE B 184 -12.38 -11.11 -6.39
CA ILE B 184 -13.58 -11.41 -7.16
C ILE B 184 -13.37 -11.00 -8.62
N GLN B 185 -13.96 -11.77 -9.54
CA GLN B 185 -13.79 -11.55 -10.97
C GLN B 185 -15.12 -11.10 -11.58
N SER B 186 -15.38 -9.79 -11.50
CA SER B 186 -16.59 -9.21 -12.10
C SER B 186 -16.41 -8.97 -13.62
N PRO B 187 -17.48 -9.18 -14.41
CA PRO B 187 -17.52 -8.75 -15.82
C PRO B 187 -17.95 -7.27 -15.96
N ARG B 188 -18.37 -6.69 -14.83
CA ARG B 188 -18.81 -5.30 -14.71
C ARG B 188 -17.78 -4.51 -13.92
N PRO B 189 -17.56 -3.22 -14.27
CA PRO B 189 -16.90 -2.34 -13.31
C PRO B 189 -17.64 -2.19 -11.97
N LEU B 190 -16.84 -2.05 -10.92
CA LEU B 190 -17.36 -1.64 -9.63
C LEU B 190 -18.32 -0.46 -9.76
N ALA B 191 -19.48 -0.56 -9.11
CA ALA B 191 -20.45 0.52 -9.09
C ALA B 191 -19.96 1.69 -8.26
N ASP B 192 -20.61 2.82 -8.50
CA ASP B 192 -20.37 4.05 -7.78
C ASP B 192 -20.89 3.88 -6.34
N PHE B 193 -22.04 3.24 -6.24
CA PHE B 193 -22.75 2.96 -4.96
C PHE B 193 -23.05 1.50 -4.91
N VAL B 194 -22.61 0.84 -3.86
CA VAL B 194 -23.06 -0.52 -3.52
C VAL B 194 -24.01 -0.43 -2.31
N LEU B 195 -25.20 -0.99 -2.46
CA LEU B 195 -26.23 -1.04 -1.42
C LEU B 195 -26.31 -2.48 -0.88
N GLY B 196 -26.05 -2.65 0.43
CA GLY B 196 -25.97 -3.96 1.06
C GLY B 196 -27.11 -4.18 2.04
N ASP B 197 -27.94 -5.19 1.78
CA ASP B 197 -29.11 -5.44 2.61
C ASP B 197 -29.30 -6.95 2.82
N ARG B 198 -28.16 -7.64 2.75
CA ARG B 198 -28.00 -9.07 2.99
C ARG B 198 -29.01 -9.85 2.12
N ASP B 199 -28.87 -9.66 0.80
CA ASP B 199 -29.78 -10.15 -0.23
C ASP B 199 -31.28 -9.88 -0.03
N GLY B 200 -31.57 -8.66 0.38
CA GLY B 200 -32.92 -8.14 0.45
C GLY B 200 -33.69 -8.47 1.71
N THR B 201 -32.97 -8.76 2.78
CA THR B 201 -33.61 -9.20 4.00
C THR B 201 -33.51 -8.21 5.18
N THR B 202 -32.65 -7.20 5.10
CA THR B 202 -32.47 -6.27 6.24
C THR B 202 -33.22 -4.92 6.10
N CYS B 203 -33.68 -4.62 4.91
CA CYS B 203 -34.33 -3.34 4.65
C CYS B 203 -35.59 -3.59 3.86
N GLU B 204 -36.65 -2.85 4.18
CA GLU B 204 -37.89 -3.01 3.45
C GLU B 204 -37.61 -2.47 2.04
N PRO B 205 -38.23 -3.09 1.03
CA PRO B 205 -37.76 -2.93 -0.35
C PRO B 205 -37.91 -1.51 -0.92
N GLY B 206 -38.78 -0.69 -0.34
CA GLY B 206 -39.11 0.62 -0.90
C GLY B 206 -38.01 1.65 -0.69
N LEU B 207 -37.35 1.59 0.45
CA LEU B 207 -36.26 2.55 0.64
C LEU B 207 -35.10 2.19 -0.29
N VAL B 208 -34.82 0.90 -0.47
CA VAL B 208 -33.71 0.47 -1.34
C VAL B 208 -34.02 0.92 -2.77
N ASP B 209 -35.27 0.70 -3.20
CA ASP B 209 -35.75 1.08 -4.55
C ASP B 209 -35.55 2.59 -4.76
N LEU B 210 -35.88 3.38 -3.75
CA LEU B 210 -35.78 4.85 -3.83
CA LEU B 210 -35.78 4.85 -3.82
C LEU B 210 -34.33 5.32 -3.95
N VAL B 211 -33.44 4.73 -3.15
CA VAL B 211 -32.02 5.16 -3.11
C VAL B 211 -31.40 4.84 -4.48
N GLU B 212 -31.63 3.62 -4.97
CA GLU B 212 -31.15 3.19 -6.28
C GLU B 212 -31.64 4.03 -7.43
N ARG B 213 -32.95 4.25 -7.49
CA ARG B 213 -33.55 5.12 -8.49
C ARG B 213 -33.02 6.57 -8.44
N GLU B 214 -33.02 7.20 -7.28
CA GLU B 214 -32.54 8.59 -7.16
C GLU B 214 -31.10 8.75 -7.60
N LEU B 215 -30.24 7.80 -7.24
CA LEU B 215 -28.81 7.93 -7.61
C LEU B 215 -28.58 7.62 -9.09
N ARG B 216 -29.32 6.66 -9.65
CA ARG B 216 -29.21 6.36 -11.07
C ARG B 216 -29.68 7.56 -11.89
N GLU B 217 -30.75 8.18 -11.46
CA GLU B 217 -31.22 9.42 -12.08
C GLU B 217 -30.23 10.60 -12.03
N LYS B 218 -29.33 10.64 -11.04
CA LYS B 218 -28.24 11.65 -11.03
C LYS B 218 -26.96 11.17 -11.79
N GLY B 219 -27.07 10.00 -12.43
CA GLY B 219 -26.03 9.50 -13.31
C GLY B 219 -25.09 8.51 -12.65
N TYR B 220 -25.39 8.08 -11.43
CA TYR B 220 -24.46 7.17 -10.72
C TYR B 220 -24.81 5.72 -11.02
N THR B 221 -23.83 4.86 -11.10
CA THR B 221 -24.13 3.42 -11.19
C THR B 221 -24.37 2.88 -9.78
N VAL B 222 -25.26 1.90 -9.67
CA VAL B 222 -25.68 1.37 -8.41
C VAL B 222 -25.82 -0.15 -8.59
N ALA B 223 -25.17 -0.90 -7.72
CA ALA B 223 -25.34 -2.35 -7.69
C ALA B 223 -25.86 -2.72 -6.30
N ARG B 224 -26.68 -3.77 -6.20
CA ARG B 224 -27.14 -4.27 -4.91
C ARG B 224 -26.31 -5.51 -4.54
N ASN B 225 -25.78 -5.55 -3.33
CA ASN B 225 -25.21 -6.79 -2.78
C ASN B 225 -24.06 -7.39 -3.59
N ASP B 226 -23.28 -6.49 -4.20
CA ASP B 226 -22.19 -6.87 -5.12
C ASP B 226 -21.16 -5.73 -5.11
N PRO B 227 -19.97 -5.94 -4.49
CA PRO B 227 -19.51 -7.15 -3.80
C PRO B 227 -19.84 -7.16 -2.31
N TYR B 228 -20.50 -6.08 -1.82
CA TYR B 228 -20.77 -5.91 -0.41
C TYR B 228 -22.25 -6.10 -0.09
N LYS B 229 -22.54 -7.16 0.66
CA LYS B 229 -23.89 -7.53 1.06
CA LYS B 229 -23.90 -7.50 1.04
C LYS B 229 -24.30 -6.95 2.42
N GLY B 230 -23.35 -6.39 3.17
CA GLY B 230 -23.61 -5.93 4.52
C GLY B 230 -23.02 -6.80 5.60
N VAL B 231 -22.48 -6.18 6.64
CA VAL B 231 -21.94 -6.89 7.78
C VAL B 231 -23.02 -7.38 8.77
N GLN B 232 -22.62 -8.23 9.72
CA GLN B 232 -23.57 -8.84 10.67
CA GLN B 232 -23.56 -8.87 10.69
C GLN B 232 -24.43 -7.80 11.38
N LEU B 233 -23.86 -6.62 11.60
CA LEU B 233 -24.56 -5.56 12.30
C LEU B 233 -25.88 -5.15 11.62
N ILE B 234 -25.84 -5.10 10.29
CA ILE B 234 -26.93 -4.76 9.45
C ILE B 234 -28.03 -5.74 9.66
N ALA B 235 -27.66 -7.01 9.81
CA ALA B 235 -28.62 -8.11 10.00
C ALA B 235 -29.24 -8.08 11.42
N GLN B 236 -28.49 -7.54 12.37
CA GLN B 236 -28.95 -7.35 13.75
C GLN B 236 -29.88 -6.15 13.91
N ILE B 237 -29.64 -5.11 13.12
CA ILE B 237 -30.48 -3.92 13.22
C ILE B 237 -31.71 -4.12 12.33
N GLY B 238 -31.48 -4.64 11.13
CA GLY B 238 -32.50 -4.72 10.09
C GLY B 238 -33.40 -5.90 10.19
N ARG B 239 -34.56 -5.67 10.79
CA ARG B 239 -35.60 -6.71 10.94
C ARG B 239 -36.92 -6.15 10.44
N PRO B 240 -37.07 -6.04 9.12
CA PRO B 240 -38.21 -5.31 8.56
C PRO B 240 -39.60 -5.79 8.97
N ALA B 241 -39.74 -7.08 9.33
CA ALA B 241 -40.98 -7.60 9.85
C ALA B 241 -41.39 -6.85 11.11
N GLU B 242 -40.40 -6.29 11.80
CA GLU B 242 -40.59 -5.54 13.03
C GLU B 242 -40.51 -4.01 12.83
N ARG B 243 -40.40 -3.58 11.57
CA ARG B 243 -40.29 -2.16 11.15
C ARG B 243 -38.98 -1.50 11.55
N ARG B 244 -37.95 -2.34 11.65
CA ARG B 244 -36.59 -1.91 11.87
C ARG B 244 -35.84 -2.25 10.60
N ASN B 245 -35.23 -1.25 10.00
CA ASN B 245 -34.59 -1.39 8.69
C ASN B 245 -33.13 -0.97 8.73
N SER B 246 -32.28 -1.73 8.05
CA SER B 246 -30.87 -1.34 7.94
C SER B 246 -30.38 -1.62 6.48
N LEU B 247 -29.50 -0.74 6.04
CA LEU B 247 -28.94 -0.67 4.71
C LEU B 247 -27.52 -0.16 4.81
N GLN B 248 -26.60 -0.92 4.27
CA GLN B 248 -25.23 -0.48 4.15
C GLN B 248 -25.04 0.18 2.79
N ILE B 249 -24.54 1.42 2.78
CA ILE B 249 -24.28 2.11 1.54
C ILE B 249 -22.76 2.39 1.35
N GLU B 250 -22.19 1.90 0.24
CA GLU B 250 -20.73 1.99 0.00
C GLU B 250 -20.50 2.89 -1.19
N ILE B 251 -19.70 3.94 -1.01
CA ILE B 251 -19.31 4.86 -2.06
C ILE B 251 -17.92 4.57 -2.67
N ARG B 252 -17.86 4.50 -3.99
CA ARG B 252 -16.59 4.28 -4.68
C ARG B 252 -15.68 5.53 -4.46
N ARG B 253 -14.53 5.32 -3.85
CA ARG B 253 -13.74 6.46 -3.35
C ARG B 253 -13.30 7.50 -4.37
N PRO B 254 -12.85 7.11 -5.58
CA PRO B 254 -12.39 8.14 -6.54
C PRO B 254 -13.45 9.23 -6.92
N LEU B 255 -14.71 8.94 -6.64
CA LEU B 255 -15.80 9.91 -6.77
C LEU B 255 -15.60 11.11 -5.89
N TYR B 256 -14.85 10.98 -4.81
CA TYR B 256 -14.71 12.11 -3.91
C TYR B 256 -13.33 12.36 -3.36
N MSE B 257 -12.41 11.41 -3.51
CA MSE B 257 -11.07 11.65 -3.00
CA MSE B 257 -11.07 11.60 -2.96
C MSE B 257 -10.00 11.03 -3.86
O MSE B 257 -10.24 10.11 -4.64
CB MSE B 257 -10.95 11.14 -1.58
CB MSE B 257 -10.97 10.94 -1.59
CG MSE B 257 -11.52 9.77 -1.38
CG MSE B 257 -10.52 9.48 -1.62
SE MSE B 257 -11.05 9.10 0.37
SE MSE B 257 -10.69 8.58 0.07
CE MSE B 257 -9.50 8.06 -0.29
CE MSE B 257 -9.93 10.01 1.09
N GLU B 258 -8.80 11.55 -3.69
CA GLU B 258 -7.59 10.97 -4.28
C GLU B 258 -7.10 9.85 -3.31
N GLU B 259 -7.11 8.61 -3.79
CA GLU B 259 -6.91 7.46 -2.93
C GLU B 259 -5.51 7.38 -2.28
N GLY B 260 -4.47 7.88 -2.96
CA GLY B 260 -3.14 7.86 -2.39
C GLY B 260 -2.91 8.80 -1.24
N THR B 261 -3.40 10.03 -1.40
CA THR B 261 -3.19 11.08 -0.40
C THR B 261 -4.31 11.19 0.63
N ARG B 262 -5.49 10.66 0.27
CA ARG B 262 -6.76 10.73 1.01
C ARG B 262 -7.46 12.12 0.91
N GLU B 263 -6.95 13.00 0.05
CA GLU B 263 -7.45 14.37 -0.08
C GLU B 263 -8.75 14.42 -0.87
N ARG B 264 -9.67 15.27 -0.44
CA ARG B 264 -10.90 15.45 -1.18
C ARG B 264 -10.54 15.84 -2.60
N ASN B 265 -11.27 15.32 -3.60
CA ASN B 265 -11.02 15.76 -4.95
C ASN B 265 -12.16 16.66 -5.48
N GLU B 266 -12.09 17.00 -6.76
CA GLU B 266 -13.07 17.88 -7.42
C GLU B 266 -14.52 17.33 -7.45
N GLY B 267 -14.69 16.03 -7.25
CA GLY B 267 -16.00 15.43 -7.22
C GLY B 267 -16.59 15.42 -5.81
N PHE B 268 -15.82 15.74 -4.77
CA PHE B 268 -16.37 15.80 -3.42
C PHE B 268 -17.58 16.76 -3.30
N ALA B 269 -17.43 18.02 -3.71
CA ALA B 269 -18.50 19.03 -3.56
C ALA B 269 -19.81 18.59 -4.24
N THR B 270 -19.67 18.11 -5.47
CA THR B 270 -20.76 17.54 -6.26
C THR B 270 -21.46 16.35 -5.63
N LEU B 271 -20.66 15.40 -5.13
CA LEU B 271 -21.22 14.18 -4.53
C LEU B 271 -21.97 14.52 -3.23
N GLN B 272 -21.37 15.35 -2.40
CA GLN B 272 -21.99 15.86 -1.16
C GLN B 272 -23.25 16.61 -1.47
N ARG B 273 -23.28 17.37 -2.55
CA ARG B 273 -24.52 18.07 -2.94
C ARG B 273 -25.59 17.04 -3.36
N ASP B 274 -25.21 16.08 -4.19
CA ASP B 274 -26.14 15.00 -4.55
C ASP B 274 -26.67 14.18 -3.36
N LEU B 275 -25.82 13.92 -2.39
CA LEU B 275 -26.21 13.15 -1.20
C LEU B 275 -27.16 13.96 -0.31
N THR B 276 -26.99 15.28 -0.27
CA THR B 276 -27.95 16.15 0.37
C THR B 276 -29.33 16.06 -0.22
N LEU B 277 -29.38 16.06 -1.54
CA LEU B 277 -30.61 15.94 -2.28
CA LEU B 277 -30.61 15.94 -2.30
C LEU B 277 -31.24 14.56 -2.08
N LEU B 278 -30.42 13.50 -2.06
CA LEU B 278 -30.91 12.13 -1.77
C LEU B 278 -31.46 12.04 -0.34
N THR B 279 -30.76 12.64 0.61
CA THR B 279 -31.14 12.60 2.02
C THR B 279 -32.50 13.24 2.29
N LEU B 280 -32.75 14.35 1.63
CA LEU B 280 -34.03 15.05 1.68
C LEU B 280 -35.14 14.15 1.14
N ARG B 281 -34.85 13.45 0.05
CA ARG B 281 -35.83 12.53 -0.50
CA ARG B 281 -35.80 12.51 -0.50
C ARG B 281 -36.05 11.39 0.49
N ILE B 282 -34.98 10.87 1.08
CA ILE B 282 -35.11 9.80 2.08
C ILE B 282 -35.90 10.27 3.34
N ALA B 283 -35.60 11.48 3.84
CA ALA B 283 -36.38 12.11 4.94
C ALA B 283 -37.88 12.14 4.67
N GLU B 284 -38.24 12.55 3.45
CA GLU B 284 -39.62 12.52 2.98
C GLU B 284 -40.25 11.14 2.97
N TYR B 285 -39.54 10.16 2.42
CA TYR B 285 -39.96 8.75 2.47
C TYR B 285 -40.22 8.26 3.90
N VAL B 286 -39.24 8.47 4.76
CA VAL B 286 -39.31 8.03 6.18
C VAL B 286 -40.51 8.65 6.92
N ARG B 287 -40.71 9.97 6.81
CA ARG B 287 -41.90 10.63 7.38
C ARG B 287 -43.22 10.00 6.92
N ARG B 288 -43.32 9.72 5.63
CA ARG B 288 -44.51 9.08 5.06
C ARG B 288 -44.68 7.61 5.47
N GLY B 289 -43.59 6.98 5.96
CA GLY B 289 -43.55 5.56 6.35
C GLY B 289 -43.97 5.32 7.80
N VAL B 290 -44.06 6.39 8.57
CA VAL B 290 -44.32 6.30 9.99
C VAL B 290 -45.82 6.40 10.14
ZN ZN C . 19.65 -0.78 -4.09
ZN ZN D . -16.17 1.04 5.62
#